data_4I2H
#
_entry.id   4I2H
#
_cell.length_a   47.112
_cell.length_b   85.264
_cell.length_c   115.085
_cell.angle_alpha   90.00
_cell.angle_beta   90.00
_cell.angle_gamma   90.00
#
_symmetry.space_group_name_H-M   'P 21 21 21'
#
loop_
_entity.id
_entity.type
_entity.pdbx_description
1 polymer 'DNA nucleotidylexotransferase'
2 polymer "5'-D(P*AP*AP*AP*AP*A)-3'"
3 non-polymer 'MAGNESIUM ION'
4 non-polymer 'SODIUM ION'
5 non-polymer 'ZINC ION'
6 non-polymer 'DIPHOSPHOMETHYLPHOSPHONIC ACID ADENOSYL ESTER'
7 water water
#
loop_
_entity_poly.entity_id
_entity_poly.type
_entity_poly.pdbx_seq_one_letter_code
_entity_poly.pdbx_strand_id
1 'polypeptide(L)'
;MGSSHHHHHHSSGLVPRGSHMSPSPVPGSQNVPAPAVKKISQYACQRRTTLNNYNQLFTDALDILAENDELRENEGSCLA
FMRASSVLKSLPFPITSMKDTEGIPCLGDKVKSIIEGIIEDGESSEAKAVLNDERYKSFKLFTSVFGVGLKTAEKWFRMG
FRTLSKIQSDKSLRFTQMQKAGFLYYEDLVSCVNRPEAEAVSMLVKEAVVTFLPDALVTMTGGFRRGKMTGHDVDFLITS
PEATEDEEQQLLHKVTDFWKQQGLLLYCDILESTFEKFKQPSRKVDALDHFQKCFLILKLDHGRVHSEKSGQQEGKGWKA
IRVDLVMCPYDRRAFALLGWTGSRQFERDLRRYATHERKMMLDNHALYDRTKRVFLEAESEEEIFAHLGLDYIEPWERNA
;
A
2 'polydeoxyribonucleotide' (DA)(DA)(DA)(DA)(DA) C
#
loop_
_chem_comp.id
_chem_comp.type
_chem_comp.name
_chem_comp.formula
APC non-polymer 'DIPHOSPHOMETHYLPHOSPHONIC ACID ADENOSYL ESTER' 'C11 H18 N5 O12 P3'
DA DNA linking 2'-DEOXYADENOSINE-5'-MONOPHOSPHATE 'C10 H14 N5 O6 P'
MG non-polymer 'MAGNESIUM ION' 'Mg 2'
NA non-polymer 'SODIUM ION' 'Na 1'
ZN non-polymer 'ZINC ION' 'Zn 2'
#
# COMPACT_ATOMS: atom_id res chain seq x y z
N LYS A 39 -23.33 17.30 1.01
CA LYS A 39 -23.55 15.87 1.14
C LYS A 39 -22.26 15.08 0.88
N ILE A 40 -21.83 14.28 1.88
CA ILE A 40 -20.61 13.44 1.80
C ILE A 40 -20.82 12.36 0.73
N SER A 41 -19.92 12.32 -0.28
CA SER A 41 -20.03 11.33 -1.35
C SER A 41 -19.67 9.93 -0.84
N GLN A 42 -20.24 8.92 -1.47
CA GLN A 42 -19.94 7.52 -1.13
C GLN A 42 -18.54 7.12 -1.70
N TYR A 43 -17.96 7.99 -2.57
CA TYR A 43 -16.70 7.73 -3.25
C TYR A 43 -15.57 8.44 -2.58
N ALA A 44 -14.46 7.72 -2.25
CA ALA A 44 -13.30 8.31 -1.61
C ALA A 44 -12.65 9.38 -2.50
N CYS A 45 -12.74 9.18 -3.86
CA CYS A 45 -12.17 10.09 -4.85
C CYS A 45 -12.96 11.42 -4.91
N GLN A 46 -14.11 11.53 -4.18
CA GLN A 46 -14.91 12.75 -4.09
C GLN A 46 -14.89 13.31 -2.63
N ARG A 47 -13.93 12.82 -1.81
CA ARG A 47 -13.72 13.25 -0.43
C ARG A 47 -12.27 13.65 -0.25
N ARG A 48 -11.98 14.56 0.69
CA ARG A 48 -10.59 14.93 1.01
C ARG A 48 -10.28 14.24 2.34
N THR A 49 -9.31 13.30 2.33
CA THR A 49 -8.99 12.55 3.53
C THR A 49 -7.53 12.82 3.92
N THR A 50 -7.35 13.59 4.98
CA THR A 50 -6.01 13.95 5.46
C THR A 50 -5.68 13.03 6.66
N LEU A 51 -4.44 13.12 7.16
CA LEU A 51 -3.98 12.25 8.24
C LEU A 51 -4.56 12.68 9.63
N ASN A 52 -5.30 13.81 9.73
CA ASN A 52 -5.92 14.23 11.01
C ASN A 52 -7.29 13.57 11.11
N ASN A 53 -7.24 12.36 11.65
CA ASN A 53 -8.41 11.53 11.83
C ASN A 53 -9.04 11.81 13.19
N TYR A 54 -10.26 12.31 13.19
CA TYR A 54 -10.96 12.63 14.45
C TYR A 54 -11.73 11.43 14.99
N ASN A 55 -11.71 10.31 14.27
CA ASN A 55 -12.49 9.14 14.61
C ASN A 55 -11.67 7.85 14.68
N GLN A 56 -10.40 7.94 15.13
CA GLN A 56 -9.51 6.79 15.24
C GLN A 56 -10.06 5.66 16.14
N LEU A 57 -10.85 5.99 17.18
CA LEU A 57 -11.48 4.99 18.07
C LEU A 57 -12.38 4.06 17.26
N PHE A 58 -13.15 4.63 16.32
CA PHE A 58 -14.06 3.90 15.47
C PHE A 58 -13.33 3.19 14.34
N THR A 59 -12.44 3.91 13.64
CA THR A 59 -11.78 3.38 12.46
C THR A 59 -10.74 2.30 12.82
N ASP A 60 -10.08 2.38 13.99
CA ASP A 60 -9.13 1.31 14.36
C ASP A 60 -9.87 -0.02 14.53
N ALA A 61 -11.07 0.03 15.14
CA ALA A 61 -11.93 -1.14 15.38
C ALA A 61 -12.44 -1.70 14.06
N LEU A 62 -12.97 -0.82 13.19
CA LEU A 62 -13.49 -1.18 11.85
C LEU A 62 -12.38 -1.76 10.94
N ASP A 63 -11.14 -1.25 11.06
CA ASP A 63 -9.98 -1.75 10.30
C ASP A 63 -9.61 -3.19 10.74
N ILE A 64 -9.74 -3.51 12.05
CA ILE A 64 -9.46 -4.85 12.58
C ILE A 64 -10.52 -5.83 12.06
N LEU A 65 -11.80 -5.40 12.10
CA LEU A 65 -12.90 -6.25 11.65
C LEU A 65 -12.79 -6.51 10.13
N ALA A 66 -12.38 -5.51 9.34
CA ALA A 66 -12.19 -5.64 7.90
C ALA A 66 -11.04 -6.60 7.59
N GLU A 67 -9.92 -6.50 8.33
CA GLU A 67 -8.73 -7.36 8.21
C GLU A 67 -9.07 -8.81 8.50
N ASN A 68 -9.89 -9.06 9.55
CA ASN A 68 -10.34 -10.40 9.90
C ASN A 68 -11.18 -10.99 8.76
N ASP A 69 -12.08 -10.19 8.17
CA ASP A 69 -12.91 -10.65 7.06
C ASP A 69 -12.08 -10.96 5.82
N GLU A 70 -10.93 -10.29 5.64
CA GLU A 70 -9.99 -10.53 4.55
C GLU A 70 -9.33 -11.91 4.75
N LEU A 71 -8.87 -12.18 6.01
CA LEU A 71 -8.27 -13.45 6.43
C LEU A 71 -9.28 -14.61 6.30
N ARG A 72 -10.56 -14.37 6.62
CA ARG A 72 -11.63 -15.38 6.57
C ARG A 72 -12.23 -15.50 5.14
N GLU A 73 -11.64 -14.77 4.17
CA GLU A 73 -12.03 -14.72 2.75
C GLU A 73 -13.48 -14.23 2.56
N ASN A 74 -13.98 -13.40 3.49
CA ASN A 74 -15.32 -12.81 3.42
C ASN A 74 -15.20 -11.42 2.81
N GLU A 75 -15.11 -11.38 1.48
CA GLU A 75 -14.90 -10.18 0.65
C GLU A 75 -15.97 -9.10 0.86
N GLY A 76 -17.23 -9.51 0.94
CA GLY A 76 -18.36 -8.61 1.13
C GLY A 76 -18.37 -7.86 2.44
N SER A 77 -18.19 -8.59 3.57
CA SER A 77 -18.16 -8.01 4.90
C SER A 77 -16.90 -7.15 5.05
N CYS A 78 -15.79 -7.57 4.43
CA CYS A 78 -14.52 -6.83 4.39
C CYS A 78 -14.74 -5.45 3.75
N LEU A 79 -15.34 -5.42 2.54
CA LEU A 79 -15.64 -4.21 1.78
C LEU A 79 -16.55 -3.26 2.59
N ALA A 80 -17.60 -3.79 3.26
CA ALA A 80 -18.53 -2.99 4.07
C ALA A 80 -17.81 -2.26 5.19
N PHE A 81 -16.93 -2.98 5.93
CA PHE A 81 -16.18 -2.37 7.02
C PHE A 81 -15.15 -1.37 6.49
N MET A 82 -14.51 -1.65 5.32
CA MET A 82 -13.51 -0.75 4.75
C MET A 82 -14.13 0.57 4.30
N ARG A 83 -15.33 0.55 3.69
CA ARG A 83 -16.00 1.73 3.18
C ARG A 83 -16.48 2.62 4.33
N ALA A 84 -16.97 2.00 5.41
CA ALA A 84 -17.42 2.68 6.61
C ALA A 84 -16.22 3.36 7.28
N SER A 85 -15.12 2.62 7.46
CA SER A 85 -13.89 3.15 8.07
C SER A 85 -13.38 4.36 7.26
N SER A 86 -13.33 4.21 5.91
CA SER A 86 -12.88 5.23 4.96
C SER A 86 -13.69 6.53 5.07
N VAL A 87 -15.04 6.45 5.07
CA VAL A 87 -15.89 7.64 5.15
C VAL A 87 -15.66 8.37 6.49
N LEU A 88 -15.53 7.64 7.62
CA LEU A 88 -15.30 8.25 8.94
C LEU A 88 -13.94 8.95 8.98
N LYS A 89 -12.93 8.41 8.29
CA LYS A 89 -11.60 9.04 8.20
C LYS A 89 -11.66 10.44 7.55
N SER A 90 -12.66 10.69 6.68
CA SER A 90 -12.82 11.97 5.97
C SER A 90 -13.51 13.04 6.82
N LEU A 91 -14.22 12.66 7.91
CA LEU A 91 -14.99 13.61 8.73
C LEU A 91 -14.14 14.71 9.35
N PRO A 92 -14.65 15.97 9.36
CA PRO A 92 -13.91 17.08 9.97
C PRO A 92 -14.16 17.21 11.49
N PHE A 93 -14.89 16.26 12.07
CA PHE A 93 -15.25 16.29 13.49
C PHE A 93 -15.36 14.86 14.06
N PRO A 94 -15.22 14.67 15.39
CA PRO A 94 -15.41 13.30 15.96
C PRO A 94 -16.87 12.93 16.20
N ILE A 95 -17.27 11.67 15.91
CA ILE A 95 -18.62 11.20 16.23
C ILE A 95 -18.70 11.11 17.78
N THR A 96 -19.69 11.75 18.40
CA THR A 96 -19.84 11.69 19.86
C THR A 96 -21.23 11.16 20.25
N SER A 97 -22.14 10.99 19.29
CA SER A 97 -23.49 10.43 19.49
C SER A 97 -23.96 9.77 18.19
N MET A 98 -24.99 8.92 18.27
CA MET A 98 -25.52 8.26 17.06
C MET A 98 -26.14 9.28 16.09
N LYS A 99 -26.66 10.41 16.62
CA LYS A 99 -27.24 11.51 15.81
C LYS A 99 -26.21 12.04 14.83
N ASP A 100 -24.92 12.05 15.23
CA ASP A 100 -23.82 12.52 14.38
C ASP A 100 -23.63 11.65 13.13
N THR A 101 -24.18 10.43 13.09
CA THR A 101 -24.01 9.56 11.91
C THR A 101 -25.07 9.81 10.81
N GLU A 102 -26.09 10.66 11.10
CA GLU A 102 -27.15 10.99 10.15
C GLU A 102 -26.58 11.69 8.90
N GLY A 103 -26.97 11.20 7.73
CA GLY A 103 -26.51 11.74 6.45
C GLY A 103 -25.18 11.19 5.97
N ILE A 104 -24.48 10.39 6.80
CA ILE A 104 -23.21 9.81 6.39
C ILE A 104 -23.48 8.51 5.58
N PRO A 105 -22.97 8.41 4.33
CA PRO A 105 -23.17 7.18 3.57
C PRO A 105 -22.26 6.03 4.06
N CYS A 106 -22.49 4.80 3.54
CA CYS A 106 -21.70 3.59 3.78
C CYS A 106 -21.72 3.13 5.24
N LEU A 107 -22.78 3.51 6.01
CA LEU A 107 -22.92 3.09 7.41
C LEU A 107 -24.17 2.21 7.57
N GLY A 108 -23.97 0.91 7.32
CA GLY A 108 -25.01 -0.09 7.45
C GLY A 108 -25.36 -0.39 8.88
N ASP A 109 -26.38 -1.26 9.12
CA ASP A 109 -26.84 -1.63 10.46
C ASP A 109 -25.73 -2.29 11.29
N LYS A 110 -24.94 -3.21 10.70
CA LYS A 110 -23.85 -3.89 11.41
C LYS A 110 -22.82 -2.88 11.91
N VAL A 111 -22.44 -1.92 11.03
CA VAL A 111 -21.47 -0.87 11.33
C VAL A 111 -22.00 0.03 12.43
N LYS A 112 -23.28 0.45 12.35
CA LYS A 112 -23.88 1.33 13.34
C LYS A 112 -23.91 0.68 14.72
N SER A 113 -24.05 -0.67 14.80
CA SER A 113 -23.99 -1.38 16.09
C SER A 113 -22.61 -1.26 16.69
N ILE A 114 -21.56 -1.34 15.84
CA ILE A 114 -20.18 -1.22 16.28
C ILE A 114 -19.89 0.21 16.77
N ILE A 115 -20.34 1.25 16.05
CA ILE A 115 -20.20 2.66 16.45
C ILE A 115 -20.90 2.89 17.80
N GLU A 116 -22.15 2.40 17.94
CA GLU A 116 -22.95 2.52 19.16
C GLU A 116 -22.23 1.92 20.38
N GLY A 117 -21.62 0.74 20.20
CA GLY A 117 -20.87 0.06 21.23
C GLY A 117 -19.64 0.81 21.68
N ILE A 118 -18.93 1.49 20.75
CA ILE A 118 -17.74 2.28 21.08
C ILE A 118 -18.19 3.57 21.82
N ILE A 119 -19.33 4.20 21.43
CA ILE A 119 -19.88 5.37 22.11
C ILE A 119 -20.26 4.97 23.59
N GLU A 120 -20.81 3.75 23.77
CA GLU A 120 -21.24 3.20 25.05
C GLU A 120 -20.15 3.12 26.12
N ASP A 121 -18.98 2.51 25.81
CA ASP A 121 -17.93 2.33 26.83
C ASP A 121 -16.48 2.57 26.32
N GLY A 122 -16.34 3.27 25.19
CA GLY A 122 -15.03 3.60 24.59
C GLY A 122 -14.27 2.45 23.94
N GLU A 123 -14.88 1.26 23.88
CA GLU A 123 -14.26 0.07 23.30
C GLU A 123 -15.18 -0.67 22.35
N SER A 124 -14.59 -1.45 21.45
CA SER A 124 -15.31 -2.37 20.59
C SER A 124 -15.11 -3.81 21.12
N SER A 125 -16.18 -4.42 21.60
CA SER A 125 -16.14 -5.79 22.11
C SER A 125 -15.87 -6.77 20.94
N GLU A 126 -16.40 -6.44 19.74
CA GLU A 126 -16.25 -7.20 18.50
C GLU A 126 -14.79 -7.22 18.05
N ALA A 127 -14.12 -6.03 18.02
CA ALA A 127 -12.71 -5.93 17.64
C ALA A 127 -11.79 -6.61 18.69
N LYS A 128 -12.15 -6.51 19.98
CA LYS A 128 -11.41 -7.14 21.09
C LYS A 128 -11.44 -8.67 20.96
N ALA A 129 -12.58 -9.23 20.52
CA ALA A 129 -12.73 -10.67 20.29
C ALA A 129 -11.84 -11.11 19.11
N VAL A 130 -11.72 -10.27 18.05
CA VAL A 130 -10.86 -10.57 16.88
C VAL A 130 -9.37 -10.60 17.34
N LEU A 131 -8.97 -9.61 18.16
CA LEU A 131 -7.59 -9.48 18.64
C LEU A 131 -7.16 -10.65 19.51
N ASN A 132 -8.14 -11.34 20.12
CA ASN A 132 -7.90 -12.52 20.97
C ASN A 132 -8.12 -13.85 20.23
N ASP A 133 -8.65 -13.83 18.99
CA ASP A 133 -8.90 -15.00 18.15
C ASP A 133 -7.58 -15.62 17.69
N GLU A 134 -7.44 -16.94 17.85
CA GLU A 134 -6.20 -17.63 17.51
C GLU A 134 -5.91 -17.64 16.02
N ARG A 135 -6.94 -17.81 15.17
CA ARG A 135 -6.71 -17.80 13.73
C ARG A 135 -6.26 -16.38 13.27
N TYR A 136 -6.90 -15.31 13.79
CA TYR A 136 -6.53 -13.94 13.45
C TYR A 136 -5.10 -13.66 13.86
N LYS A 137 -4.74 -13.97 15.12
CA LYS A 137 -3.38 -13.75 15.64
C LYS A 137 -2.32 -14.46 14.77
N SER A 138 -2.58 -15.74 14.42
CA SER A 138 -1.68 -16.54 13.58
C SER A 138 -1.53 -15.97 12.18
N PHE A 139 -2.64 -15.57 11.54
CA PHE A 139 -2.58 -15.06 10.18
C PHE A 139 -1.84 -13.72 10.13
N LYS A 140 -2.06 -12.82 11.13
CA LYS A 140 -1.34 -11.55 11.20
C LYS A 140 0.15 -11.81 11.33
N LEU A 141 0.52 -12.68 12.28
CA LEU A 141 1.89 -13.03 12.59
C LEU A 141 2.60 -13.70 11.41
N PHE A 142 2.00 -14.73 10.79
CA PHE A 142 2.64 -15.46 9.70
C PHE A 142 2.79 -14.60 8.44
N THR A 143 1.75 -13.86 8.04
CA THR A 143 1.84 -13.02 6.84
C THR A 143 2.73 -11.76 7.06
N SER A 144 3.17 -11.47 8.31
CA SER A 144 4.10 -10.37 8.60
C SER A 144 5.52 -10.73 8.09
N VAL A 145 5.73 -11.99 7.70
CA VAL A 145 6.98 -12.48 7.13
C VAL A 145 6.91 -12.22 5.61
N PHE A 146 7.96 -11.58 5.07
CA PHE A 146 8.07 -11.32 3.64
C PHE A 146 8.15 -12.68 2.92
N GLY A 147 7.23 -12.91 1.98
CA GLY A 147 7.15 -14.15 1.23
C GLY A 147 6.02 -15.08 1.64
N VAL A 148 5.30 -14.74 2.73
CA VAL A 148 4.22 -15.57 3.27
C VAL A 148 2.88 -14.89 3.02
N GLY A 149 2.02 -15.61 2.30
CA GLY A 149 0.67 -15.18 1.98
C GLY A 149 -0.37 -16.01 2.68
N LEU A 150 -1.66 -15.81 2.32
CA LEU A 150 -2.81 -16.47 2.96
C LEU A 150 -2.75 -18.00 2.89
N LYS A 151 -2.37 -18.58 1.76
CA LYS A 151 -2.29 -20.04 1.59
C LYS A 151 -1.25 -20.69 2.51
N THR A 152 -0.01 -20.13 2.58
CA THR A 152 1.05 -20.67 3.43
C THR A 152 0.68 -20.49 4.91
N ALA A 153 0.12 -19.31 5.29
CA ALA A 153 -0.30 -19.02 6.65
C ALA A 153 -1.36 -20.05 7.12
N GLU A 154 -2.33 -20.37 6.24
CA GLU A 154 -3.40 -21.34 6.50
C GLU A 154 -2.84 -22.76 6.68
N LYS A 155 -1.89 -23.15 5.81
CA LYS A 155 -1.19 -24.44 5.87
C LYS A 155 -0.48 -24.62 7.21
N TRP A 156 0.30 -23.61 7.63
CA TRP A 156 1.04 -23.67 8.90
C TRP A 156 0.09 -23.72 10.10
N PHE A 157 -1.02 -22.94 10.09
CA PHE A 157 -2.03 -22.95 11.16
C PHE A 157 -2.67 -24.34 11.30
N ARG A 158 -3.03 -24.98 10.17
CA ARG A 158 -3.64 -26.32 10.18
C ARG A 158 -2.62 -27.41 10.57
N MET A 159 -1.32 -27.10 10.54
CA MET A 159 -0.28 -28.03 10.99
C MET A 159 -0.08 -27.90 12.51
N GLY A 160 -0.68 -26.88 13.11
CA GLY A 160 -0.59 -26.63 14.54
C GLY A 160 0.41 -25.57 14.96
N PHE A 161 1.04 -24.88 13.99
CA PHE A 161 2.01 -23.85 14.32
C PHE A 161 1.31 -22.58 14.78
N ARG A 162 1.88 -21.91 15.79
CA ARG A 162 1.33 -20.67 16.34
C ARG A 162 2.39 -19.58 16.49
N THR A 163 3.68 -19.97 16.47
CA THR A 163 4.77 -19.01 16.63
C THR A 163 5.79 -19.11 15.49
N LEU A 164 6.48 -18.00 15.24
CA LEU A 164 7.49 -17.96 14.17
C LEU A 164 8.72 -18.77 14.58
N SER A 165 9.03 -18.86 15.89
CA SER A 165 10.14 -19.64 16.42
C SER A 165 9.98 -21.12 16.08
N LYS A 166 8.74 -21.65 16.24
CA LYS A 166 8.44 -23.06 15.95
C LYS A 166 8.46 -23.31 14.44
N ILE A 167 8.09 -22.32 13.61
CA ILE A 167 8.11 -22.46 12.15
C ILE A 167 9.56 -22.53 11.65
N GLN A 168 10.39 -21.53 12.02
CA GLN A 168 11.79 -21.39 11.64
C GLN A 168 12.66 -22.57 12.03
N SER A 169 12.41 -23.17 13.21
CA SER A 169 13.23 -24.25 13.73
C SER A 169 12.73 -25.62 13.34
N ASP A 170 11.59 -25.72 12.61
CA ASP A 170 11.06 -27.01 12.19
C ASP A 170 12.00 -27.65 11.16
N LYS A 171 12.26 -28.95 11.31
CA LYS A 171 13.20 -29.69 10.46
C LYS A 171 12.57 -30.23 9.16
N SER A 172 11.22 -30.27 9.05
CA SER A 172 10.50 -30.80 7.91
C SER A 172 10.07 -29.75 6.95
N LEU A 173 9.82 -28.52 7.41
CA LEU A 173 9.36 -27.43 6.55
C LEU A 173 10.42 -27.02 5.53
N ARG A 174 9.98 -26.71 4.29
CA ARG A 174 10.82 -26.23 3.19
C ARG A 174 10.31 -24.84 2.80
N PHE A 175 11.22 -23.86 2.76
CA PHE A 175 10.87 -22.46 2.53
C PHE A 175 11.31 -21.95 1.18
N THR A 176 10.52 -21.03 0.58
CA THR A 176 10.87 -20.37 -0.69
C THR A 176 12.05 -19.40 -0.44
N GLN A 177 12.75 -18.99 -1.50
CA GLN A 177 13.87 -18.05 -1.37
C GLN A 177 13.40 -16.69 -0.75
N MET A 178 12.16 -16.25 -1.09
CA MET A 178 11.52 -15.04 -0.57
C MET A 178 11.31 -15.16 0.95
N GLN A 179 10.78 -16.32 1.42
CA GLN A 179 10.54 -16.60 2.85
C GLN A 179 11.85 -16.64 3.65
N LYS A 180 12.92 -17.25 3.08
CA LYS A 180 14.26 -17.34 3.69
C LYS A 180 14.75 -15.91 3.98
N ALA A 181 14.63 -14.98 3.01
CA ALA A 181 14.97 -13.55 3.18
C ALA A 181 14.05 -12.89 4.21
N GLY A 182 12.75 -13.23 4.16
CA GLY A 182 11.75 -12.73 5.09
C GLY A 182 12.09 -13.06 6.54
N PHE A 183 12.59 -14.29 6.79
CA PHE A 183 12.98 -14.73 8.13
C PHE A 183 14.33 -14.17 8.53
N LEU A 184 15.30 -14.10 7.58
CA LEU A 184 16.66 -13.62 7.85
C LEU A 184 16.69 -12.16 8.30
N TYR A 185 15.86 -11.29 7.67
CA TYR A 185 15.81 -9.86 7.94
C TYR A 185 14.53 -9.44 8.64
N TYR A 186 13.83 -10.39 9.27
CA TYR A 186 12.54 -10.18 9.94
C TYR A 186 12.46 -8.93 10.84
N GLU A 187 13.35 -8.79 11.83
CA GLU A 187 13.32 -7.69 12.81
C GLU A 187 13.44 -6.31 12.16
N ASP A 188 14.33 -6.17 11.15
CA ASP A 188 14.48 -4.92 10.40
C ASP A 188 13.26 -4.62 9.57
N LEU A 189 12.72 -5.62 8.86
CA LEU A 189 11.55 -5.47 7.99
C LEU A 189 10.27 -5.20 8.75
N VAL A 190 10.16 -5.69 9.98
CA VAL A 190 8.95 -5.49 10.79
C VAL A 190 9.02 -4.12 11.51
N SER A 191 10.20 -3.49 11.62
CA SER A 191 10.32 -2.14 12.20
C SER A 191 9.96 -1.12 11.11
N CYS A 192 9.21 -0.07 11.45
CA CYS A 192 8.80 0.82 10.36
C CYS A 192 9.96 1.73 9.82
N VAL A 193 9.89 1.95 8.48
CA VAL A 193 10.79 2.84 7.73
C VAL A 193 10.32 4.26 8.01
N ASN A 194 11.23 5.15 8.41
CA ASN A 194 10.85 6.55 8.66
C ASN A 194 11.27 7.45 7.45
N ARG A 195 10.97 8.78 7.48
CA ARG A 195 11.27 9.68 6.35
C ARG A 195 12.79 9.84 6.11
N PRO A 196 13.66 10.03 7.13
CA PRO A 196 15.11 10.11 6.83
C PRO A 196 15.63 8.84 6.15
N GLU A 197 15.15 7.64 6.54
CA GLU A 197 15.50 6.37 5.88
C GLU A 197 14.97 6.32 4.44
N ALA A 198 13.68 6.73 4.20
CA ALA A 198 13.08 6.78 2.86
C ALA A 198 13.88 7.69 1.94
N GLU A 199 14.33 8.86 2.47
CA GLU A 199 15.12 9.82 1.69
C GLU A 199 16.52 9.28 1.37
N ALA A 200 17.11 8.56 2.32
CA ALA A 200 18.41 7.92 2.14
C ALA A 200 18.31 6.85 1.04
N VAL A 201 17.18 6.11 1.00
CA VAL A 201 16.91 5.11 -0.05
C VAL A 201 16.73 5.83 -1.39
N SER A 202 15.96 6.94 -1.42
CA SER A 202 15.73 7.73 -2.64
C SER A 202 17.05 8.13 -3.31
N MET A 203 18.05 8.57 -2.49
CA MET A 203 19.39 8.95 -2.94
C MET A 203 20.08 7.78 -3.62
N LEU A 204 20.01 6.58 -2.99
CA LEU A 204 20.60 5.35 -3.51
C LEU A 204 19.96 4.98 -4.87
N VAL A 205 18.61 5.02 -4.94
CA VAL A 205 17.85 4.69 -6.16
C VAL A 205 18.25 5.65 -7.29
N LYS A 206 18.20 6.97 -7.04
CA LYS A 206 18.55 7.99 -8.02
C LYS A 206 20.00 7.84 -8.51
N GLU A 207 20.96 7.66 -7.59
CA GLU A 207 22.39 7.46 -7.92
C GLU A 207 22.59 6.29 -8.90
N ALA A 208 21.95 5.16 -8.63
CA ALA A 208 22.01 3.95 -9.45
C ALA A 208 21.35 4.14 -10.81
N VAL A 209 20.11 4.66 -10.83
CA VAL A 209 19.30 4.86 -12.03
C VAL A 209 20.00 5.81 -13.05
N VAL A 210 20.46 7.02 -12.62
CA VAL A 210 21.08 8.05 -13.48
C VAL A 210 22.43 7.55 -14.07
N THR A 211 23.06 6.53 -13.43
CA THR A 211 24.30 5.90 -13.92
C THR A 211 24.05 5.24 -15.28
N PHE A 212 22.85 4.67 -15.49
CA PHE A 212 22.47 3.98 -16.73
C PHE A 212 21.53 4.81 -17.62
N LEU A 213 20.62 5.59 -17.02
CA LEU A 213 19.68 6.49 -17.71
C LEU A 213 19.78 7.91 -17.10
N PRO A 214 20.69 8.79 -17.60
CA PRO A 214 20.83 10.11 -16.96
C PRO A 214 19.60 11.04 -17.04
N ASP A 215 18.70 10.83 -18.00
CA ASP A 215 17.49 11.65 -18.13
C ASP A 215 16.27 11.10 -17.33
N ALA A 216 16.46 10.00 -16.59
CA ALA A 216 15.36 9.36 -15.88
C ALA A 216 14.84 10.21 -14.75
N LEU A 217 13.51 10.14 -14.57
CA LEU A 217 12.75 10.77 -13.51
C LEU A 217 12.40 9.71 -12.50
N VAL A 218 12.82 9.91 -11.25
CA VAL A 218 12.58 8.98 -10.13
C VAL A 218 11.68 9.69 -9.10
N THR A 219 10.48 9.12 -8.84
CA THR A 219 9.50 9.70 -7.92
C THR A 219 9.16 8.73 -6.83
N MET A 220 9.21 9.19 -5.57
CA MET A 220 8.76 8.38 -4.42
C MET A 220 7.25 8.39 -4.41
N THR A 221 6.63 7.20 -4.37
CA THR A 221 5.17 7.08 -4.40
C THR A 221 4.69 6.53 -3.02
N GLY A 222 3.54 5.82 -3.00
CA GLY A 222 2.97 5.23 -1.80
C GLY A 222 2.65 6.19 -0.68
N GLY A 223 2.59 5.67 0.54
CA GLY A 223 2.31 6.42 1.75
C GLY A 223 3.11 7.68 2.00
N PHE A 224 4.41 7.63 1.73
CA PHE A 224 5.32 8.75 1.93
C PHE A 224 4.92 9.96 1.03
N ARG A 225 4.44 9.70 -0.20
CA ARG A 225 3.96 10.74 -1.11
C ARG A 225 2.63 11.34 -0.59
N ARG A 226 1.87 10.57 0.22
CA ARG A 226 0.61 11.05 0.82
C ARG A 226 0.83 11.78 2.18
N GLY A 227 2.09 11.95 2.57
CA GLY A 227 2.46 12.66 3.80
C GLY A 227 2.78 11.84 5.03
N LYS A 228 2.77 10.52 4.95
CA LYS A 228 3.02 9.67 6.10
C LYS A 228 4.45 9.77 6.62
N MET A 229 4.57 9.66 7.94
CA MET A 229 5.83 9.70 8.67
C MET A 229 6.54 8.37 8.60
N THR A 230 5.78 7.27 8.47
CA THR A 230 6.35 5.93 8.41
C THR A 230 5.70 5.09 7.29
N GLY A 231 6.29 3.91 7.05
CA GLY A 231 5.83 2.93 6.08
C GLY A 231 6.52 1.61 6.25
N HIS A 232 5.99 0.52 5.66
CA HIS A 232 6.59 -0.84 5.73
C HIS A 232 7.63 -1.03 4.63
N ASP A 233 7.56 -0.19 3.60
CA ASP A 233 8.45 -0.18 2.45
C ASP A 233 8.56 1.22 1.85
N VAL A 234 9.43 1.37 0.82
CA VAL A 234 9.62 2.62 0.07
C VAL A 234 9.42 2.27 -1.39
N ASP A 235 8.49 2.98 -2.05
CA ASP A 235 8.14 2.72 -3.45
C ASP A 235 8.55 3.86 -4.34
N PHE A 236 9.00 3.51 -5.57
CA PHE A 236 9.48 4.48 -6.55
C PHE A 236 8.97 4.20 -7.93
N LEU A 237 8.69 5.27 -8.67
CA LEU A 237 8.27 5.20 -10.06
C LEU A 237 9.40 5.80 -10.86
N ILE A 238 9.90 5.02 -11.83
CA ILE A 238 11.02 5.42 -12.68
C ILE A 238 10.49 5.49 -14.09
N THR A 239 10.84 6.56 -14.78
CA THR A 239 10.44 6.74 -16.17
C THR A 239 11.51 7.57 -16.89
N SER A 240 11.66 7.38 -18.21
CA SER A 240 12.65 8.10 -18.99
C SER A 240 12.07 8.62 -20.30
N PRO A 241 12.13 9.94 -20.55
CA PRO A 241 11.54 10.45 -21.80
C PRO A 241 12.27 10.03 -23.08
N GLU A 242 13.58 9.70 -23.02
CA GLU A 242 14.31 9.36 -24.25
C GLU A 242 14.72 7.86 -24.37
N ALA A 243 14.60 7.04 -23.29
CA ALA A 243 14.97 5.61 -23.33
C ALA A 243 14.18 4.82 -24.37
N THR A 244 14.84 3.85 -25.02
CA THR A 244 14.22 2.95 -26.00
C THR A 244 13.44 1.86 -25.25
N GLU A 245 12.70 1.00 -25.97
CA GLU A 245 11.95 -0.12 -25.38
C GLU A 245 12.92 -1.08 -24.69
N ASP A 246 14.09 -1.35 -25.32
CA ASP A 246 15.14 -2.22 -24.80
C ASP A 246 15.84 -1.59 -23.59
N GLU A 247 16.19 -0.28 -23.67
CA GLU A 247 16.83 0.46 -22.56
C GLU A 247 15.94 0.43 -21.31
N GLU A 248 14.62 0.64 -21.51
CA GLU A 248 13.57 0.61 -20.48
C GLU A 248 13.51 -0.75 -19.82
N GLN A 249 13.66 -1.82 -20.63
CA GLN A 249 13.60 -3.20 -20.16
C GLN A 249 14.85 -3.60 -19.36
N GLN A 250 16.02 -3.08 -19.73
CA GLN A 250 17.28 -3.45 -19.10
C GLN A 250 17.63 -2.67 -17.83
N LEU A 251 17.01 -1.48 -17.59
CA LEU A 251 17.37 -0.64 -16.44
C LEU A 251 17.29 -1.35 -15.07
N LEU A 252 16.19 -2.06 -14.76
CA LEU A 252 16.09 -2.70 -13.43
C LEU A 252 17.14 -3.81 -13.23
N HIS A 253 17.53 -4.51 -14.33
CA HIS A 253 18.59 -5.54 -14.31
C HIS A 253 19.94 -4.87 -14.04
N LYS A 254 20.22 -3.72 -14.73
CA LYS A 254 21.47 -2.98 -14.57
C LYS A 254 21.62 -2.42 -13.15
N VAL A 255 20.56 -1.78 -12.62
CA VAL A 255 20.54 -1.16 -11.29
C VAL A 255 20.73 -2.20 -10.17
N THR A 256 20.06 -3.36 -10.26
CA THR A 256 20.19 -4.40 -9.26
C THR A 256 21.57 -5.11 -9.36
N ASP A 257 22.14 -5.29 -10.57
CA ASP A 257 23.47 -5.88 -10.73
C ASP A 257 24.52 -4.96 -10.11
N PHE A 258 24.35 -3.64 -10.30
CA PHE A 258 25.22 -2.60 -9.73
C PHE A 258 25.23 -2.70 -8.21
N TRP A 259 24.04 -2.81 -7.58
CA TRP A 259 23.90 -2.96 -6.13
C TRP A 259 24.46 -4.30 -5.64
N LYS A 260 24.28 -5.40 -6.44
CA LYS A 260 24.81 -6.73 -6.13
C LYS A 260 26.33 -6.67 -6.05
N GLN A 261 26.96 -5.91 -6.98
CA GLN A 261 28.41 -5.70 -7.03
C GLN A 261 28.89 -4.86 -5.82
N GLN A 262 28.06 -3.89 -5.38
CA GLN A 262 28.36 -3.00 -4.25
C GLN A 262 28.09 -3.68 -2.89
N GLY A 263 27.41 -4.83 -2.91
CA GLY A 263 27.07 -5.61 -1.72
C GLY A 263 25.88 -5.06 -0.95
N LEU A 264 24.93 -4.45 -1.68
CA LEU A 264 23.74 -3.81 -1.09
C LEU A 264 22.45 -4.58 -1.38
N LEU A 265 22.47 -5.49 -2.35
CA LEU A 265 21.30 -6.27 -2.73
C LEU A 265 21.18 -7.49 -1.82
N LEU A 266 20.19 -7.45 -0.91
CA LEU A 266 19.94 -8.55 0.03
C LEU A 266 18.88 -9.51 -0.56
N TYR A 267 17.97 -9.01 -1.38
CA TYR A 267 16.95 -9.80 -2.07
C TYR A 267 16.51 -9.06 -3.31
N CYS A 268 16.19 -9.80 -4.38
CA CYS A 268 15.75 -9.22 -5.64
C CYS A 268 14.89 -10.19 -6.44
N ASP A 269 13.72 -9.70 -6.86
CA ASP A 269 12.76 -10.40 -7.69
C ASP A 269 12.26 -9.41 -8.71
N ILE A 270 12.63 -9.61 -9.99
CA ILE A 270 12.21 -8.75 -11.11
C ILE A 270 11.09 -9.51 -11.82
N LEU A 271 9.90 -9.53 -11.19
CA LEU A 271 8.77 -10.33 -11.67
C LEU A 271 7.45 -9.68 -11.27
N GLU A 272 6.62 -9.38 -12.28
CA GLU A 272 5.26 -8.88 -12.17
C GLU A 272 4.32 -10.08 -12.02
N ASP A 289 -0.24 -4.17 -11.35
CA ASP A 289 -0.21 -3.72 -12.74
C ASP A 289 0.71 -4.63 -13.62
N HIS A 290 0.79 -4.32 -14.92
CA HIS A 290 1.56 -5.09 -15.87
C HIS A 290 2.95 -4.48 -16.18
N PHE A 291 3.34 -3.36 -15.53
CA PHE A 291 4.65 -2.73 -15.75
C PHE A 291 5.78 -3.58 -15.17
N GLN A 292 6.99 -3.40 -15.70
CA GLN A 292 8.17 -4.08 -15.18
C GLN A 292 8.44 -3.56 -13.78
N LYS A 293 8.61 -4.46 -12.81
CA LYS A 293 8.82 -4.03 -11.44
C LYS A 293 9.72 -5.00 -10.71
N CYS A 294 10.24 -4.56 -9.57
CA CYS A 294 11.05 -5.42 -8.73
C CYS A 294 10.77 -5.14 -7.26
N PHE A 295 10.75 -6.22 -6.49
CA PHE A 295 10.55 -6.25 -5.05
C PHE A 295 11.89 -6.58 -4.46
N LEU A 296 12.44 -5.63 -3.74
CA LEU A 296 13.80 -5.73 -3.22
C LEU A 296 13.92 -5.56 -1.74
N ILE A 297 15.07 -6.00 -1.24
CA ILE A 297 15.56 -5.77 0.11
C ILE A 297 16.95 -5.17 -0.09
N LEU A 298 17.13 -3.93 0.36
CA LEU A 298 18.41 -3.24 0.22
C LEU A 298 19.08 -3.07 1.58
N LYS A 299 20.44 -3.09 1.60
CA LYS A 299 21.24 -2.86 2.78
C LYS A 299 21.43 -1.33 2.88
N LEU A 300 20.85 -0.71 3.92
CA LEU A 300 20.95 0.73 4.12
C LEU A 300 21.92 1.03 5.25
N ASP A 301 23.13 1.53 4.90
CA ASP A 301 24.15 1.91 5.88
C ASP A 301 23.67 3.11 6.71
N HIS A 302 23.84 3.04 8.04
CA HIS A 302 23.38 4.08 8.97
C HIS A 302 23.99 5.47 8.67
N GLY A 303 25.23 5.50 8.15
CA GLY A 303 25.93 6.73 7.80
C GLY A 303 25.27 7.57 6.73
N ARG A 304 24.41 6.93 5.90
CA ARG A 304 23.67 7.55 4.81
C ARG A 304 22.39 8.26 5.29
N VAL A 305 21.94 7.94 6.53
CA VAL A 305 20.71 8.45 7.12
C VAL A 305 20.99 9.72 7.95
N HIS A 306 20.35 10.86 7.56
CA HIS A 306 20.52 12.14 8.28
C HIS A 306 19.23 12.43 9.05
N SER A 307 19.17 11.88 10.27
CA SER A 307 18.03 11.97 11.18
C SER A 307 18.41 12.73 12.45
N GLU A 314 25.64 1.91 17.40
CA GLU A 314 24.26 1.77 17.83
C GLU A 314 23.77 0.31 17.66
N GLY A 315 24.01 -0.25 16.47
CA GLY A 315 23.64 -1.62 16.15
C GLY A 315 24.67 -2.27 15.24
N LYS A 316 24.20 -3.03 14.23
CA LYS A 316 25.08 -3.67 13.22
C LYS A 316 25.68 -2.63 12.24
N GLY A 317 25.15 -1.41 12.25
CA GLY A 317 25.58 -0.31 11.39
C GLY A 317 24.77 -0.17 10.11
N TRP A 318 23.76 -1.02 9.89
CA TRP A 318 22.91 -1.00 8.71
C TRP A 318 21.50 -1.55 9.03
N LYS A 319 20.55 -1.29 8.13
CA LYS A 319 19.16 -1.72 8.26
C LYS A 319 18.68 -2.28 6.91
N ALA A 320 18.01 -3.44 6.92
CA ALA A 320 17.38 -4.03 5.76
C ALA A 320 16.09 -3.22 5.48
N ILE A 321 15.90 -2.80 4.23
CA ILE A 321 14.77 -1.98 3.82
C ILE A 321 14.09 -2.61 2.62
N ARG A 322 12.75 -2.74 2.70
CA ARG A 322 11.95 -3.22 1.59
C ARG A 322 11.77 -2.05 0.62
N VAL A 323 12.13 -2.26 -0.65
CA VAL A 323 12.03 -1.24 -1.69
C VAL A 323 11.32 -1.83 -2.92
N ASP A 324 10.35 -1.12 -3.50
CA ASP A 324 9.72 -1.54 -4.75
C ASP A 324 9.98 -0.51 -5.82
N LEU A 325 10.48 -0.96 -6.98
CA LEU A 325 10.79 -0.11 -8.13
C LEU A 325 9.89 -0.49 -9.27
N VAL A 326 9.28 0.52 -9.90
CA VAL A 326 8.38 0.34 -11.05
C VAL A 326 8.94 1.18 -12.19
N MET A 327 9.09 0.55 -13.37
CA MET A 327 9.54 1.20 -14.59
C MET A 327 8.36 1.29 -15.54
N CYS A 328 8.04 2.48 -16.01
CA CYS A 328 6.91 2.56 -16.92
C CYS A 328 7.30 3.37 -18.16
N PRO A 329 6.58 3.15 -19.30
CA PRO A 329 6.80 3.99 -20.48
C PRO A 329 6.43 5.44 -20.13
N TYR A 330 7.23 6.39 -20.62
CA TYR A 330 7.06 7.82 -20.36
C TYR A 330 5.63 8.34 -20.52
N ASP A 331 4.91 7.93 -21.59
CA ASP A 331 3.56 8.37 -21.94
C ASP A 331 2.50 7.91 -20.94
N ARG A 332 2.80 6.89 -20.11
CA ARG A 332 1.85 6.36 -19.10
C ARG A 332 2.23 6.78 -17.66
N ARG A 333 3.22 7.64 -17.49
CA ARG A 333 3.71 8.07 -16.18
C ARG A 333 2.63 8.66 -15.26
N ALA A 334 1.63 9.40 -15.79
CA ALA A 334 0.57 9.99 -14.94
C ALA A 334 -0.38 8.90 -14.39
N PHE A 335 -0.69 7.89 -15.22
CA PHE A 335 -1.58 6.80 -14.80
C PHE A 335 -0.92 5.94 -13.74
N ALA A 336 0.40 5.67 -13.92
CA ALA A 336 1.19 4.87 -13.00
C ALA A 336 1.35 5.58 -11.66
N LEU A 337 1.69 6.90 -11.70
CA LEU A 337 1.84 7.74 -10.51
C LEU A 337 0.59 7.76 -9.68
N LEU A 338 -0.55 7.94 -10.34
CA LEU A 338 -1.87 7.93 -9.71
C LEU A 338 -2.15 6.58 -9.03
N GLY A 339 -1.89 5.46 -9.71
CA GLY A 339 -2.12 4.13 -9.14
C GLY A 339 -1.17 3.79 -8.00
N TRP A 340 0.09 4.19 -8.09
CA TRP A 340 1.07 3.84 -7.05
C TRP A 340 1.07 4.80 -5.87
N THR A 341 0.40 5.98 -5.96
CA THR A 341 0.34 6.92 -4.85
C THR A 341 -0.67 6.41 -3.79
N GLY A 342 -1.75 5.79 -4.26
CA GLY A 342 -2.79 5.25 -3.39
C GLY A 342 -3.66 6.32 -2.76
N SER A 343 -4.31 6.05 -1.61
CA SER A 343 -4.33 4.82 -0.84
C SER A 343 -5.05 3.74 -1.60
N ARG A 344 -5.07 2.49 -1.07
CA ARG A 344 -5.78 1.39 -1.70
C ARG A 344 -7.26 1.72 -1.88
N GLN A 345 -7.91 2.28 -0.84
CA GLN A 345 -9.34 2.62 -0.90
C GLN A 345 -9.62 3.76 -1.88
N PHE A 346 -8.69 4.73 -1.99
CA PHE A 346 -8.83 5.84 -2.93
C PHE A 346 -8.79 5.30 -4.37
N GLU A 347 -7.86 4.36 -4.65
CA GLU A 347 -7.74 3.74 -5.97
C GLU A 347 -8.99 2.94 -6.34
N ARG A 348 -9.49 2.10 -5.40
CA ARG A 348 -10.69 1.29 -5.62
C ARG A 348 -11.87 2.17 -6.01
N ASP A 349 -12.08 3.29 -5.27
CA ASP A 349 -13.20 4.19 -5.54
C ASP A 349 -13.01 5.00 -6.83
N LEU A 350 -11.76 5.38 -7.17
CA LEU A 350 -11.46 6.05 -8.46
C LEU A 350 -11.91 5.21 -9.64
N ARG A 351 -11.54 3.91 -9.61
CA ARG A 351 -11.85 2.96 -10.65
C ARG A 351 -13.36 2.68 -10.69
N ARG A 352 -14.01 2.57 -9.52
CA ARG A 352 -15.45 2.33 -9.40
C ARG A 352 -16.24 3.54 -9.93
N TYR A 353 -15.83 4.78 -9.54
CA TYR A 353 -16.43 6.01 -10.04
C TYR A 353 -16.30 6.06 -11.56
N ALA A 354 -15.08 5.84 -12.11
CA ALA A 354 -14.85 5.86 -13.56
C ALA A 354 -15.83 4.92 -14.30
N THR A 355 -16.01 3.70 -13.81
CA THR A 355 -16.88 2.70 -14.41
C THR A 355 -18.37 3.07 -14.28
N HIS A 356 -18.88 3.21 -13.06
CA HIS A 356 -20.29 3.42 -12.77
C HIS A 356 -20.81 4.80 -13.12
N GLU A 357 -20.01 5.86 -12.91
CA GLU A 357 -20.49 7.23 -13.15
C GLU A 357 -20.10 7.81 -14.52
N ARG A 358 -18.97 7.38 -15.12
CA ARG A 358 -18.49 7.97 -16.38
C ARG A 358 -18.42 7.00 -17.58
N LYS A 359 -18.67 5.68 -17.34
CA LYS A 359 -18.56 4.61 -18.35
C LYS A 359 -17.14 4.65 -18.95
N MET A 360 -16.15 4.84 -18.06
CA MET A 360 -14.73 4.90 -18.38
C MET A 360 -14.03 3.76 -17.67
N MET A 361 -12.89 3.34 -18.19
CA MET A 361 -12.11 2.24 -17.65
C MET A 361 -10.74 2.76 -17.28
N LEU A 362 -10.43 2.75 -15.99
CA LEU A 362 -9.17 3.27 -15.48
C LEU A 362 -8.34 2.22 -14.82
N ASP A 363 -7.04 2.24 -15.05
CA ASP A 363 -6.07 1.39 -14.36
C ASP A 363 -4.75 2.13 -14.32
N ASN A 364 -3.67 1.46 -13.91
CA ASN A 364 -2.35 2.06 -13.78
C ASN A 364 -1.68 2.40 -15.10
N HIS A 365 -2.22 1.92 -16.23
CA HIS A 365 -1.60 2.09 -17.55
C HIS A 365 -2.36 3.05 -18.48
N ALA A 366 -3.68 3.23 -18.31
CA ALA A 366 -4.48 4.06 -19.23
C ALA A 366 -5.87 4.40 -18.70
N LEU A 367 -6.59 5.26 -19.45
CA LEU A 367 -7.97 5.67 -19.21
C LEU A 367 -8.70 5.58 -20.54
N TYR A 368 -9.71 4.71 -20.61
CA TYR A 368 -10.45 4.45 -21.83
C TYR A 368 -11.90 4.88 -21.69
N ASP A 369 -12.40 5.61 -22.69
CA ASP A 369 -13.78 6.08 -22.78
C ASP A 369 -14.57 5.13 -23.66
N ARG A 370 -15.48 4.35 -23.05
CA ARG A 370 -16.28 3.33 -23.74
C ARG A 370 -17.30 3.95 -24.68
N THR A 371 -17.76 5.18 -24.42
CA THR A 371 -18.76 5.84 -25.27
C THR A 371 -18.08 6.43 -26.51
N LYS A 372 -16.99 7.20 -26.32
CA LYS A 372 -16.25 7.84 -27.40
C LYS A 372 -15.35 6.85 -28.12
N ARG A 373 -15.11 5.65 -27.52
CA ARG A 373 -14.29 4.54 -28.03
C ARG A 373 -12.87 5.04 -28.28
N VAL A 374 -12.33 5.80 -27.30
CA VAL A 374 -10.98 6.37 -27.39
C VAL A 374 -10.27 6.29 -26.07
N PHE A 375 -8.93 6.17 -26.12
CA PHE A 375 -8.09 6.25 -24.96
C PHE A 375 -7.86 7.73 -24.68
N LEU A 376 -7.90 8.13 -23.41
CA LEU A 376 -7.70 9.53 -23.03
C LEU A 376 -6.28 9.75 -22.53
N GLU A 377 -5.59 10.72 -23.11
CA GLU A 377 -4.18 11.01 -22.79
C GLU A 377 -4.07 11.99 -21.62
N ALA A 378 -2.99 11.85 -20.85
CA ALA A 378 -2.72 12.71 -19.68
C ALA A 378 -1.21 12.82 -19.42
N GLU A 379 -0.75 14.03 -19.18
CA GLU A 379 0.65 14.28 -18.86
C GLU A 379 0.82 14.49 -17.33
N SER A 380 -0.31 14.60 -16.60
CA SER A 380 -0.35 14.82 -15.16
C SER A 380 -1.57 14.15 -14.52
N GLU A 381 -1.55 14.01 -13.17
CA GLU A 381 -2.71 13.48 -12.45
C GLU A 381 -3.91 14.42 -12.60
N GLU A 382 -3.66 15.74 -12.56
CA GLU A 382 -4.67 16.81 -12.73
C GLU A 382 -5.52 16.59 -14.01
N GLU A 383 -4.86 16.24 -15.14
CA GLU A 383 -5.54 15.94 -16.42
C GLU A 383 -6.42 14.67 -16.31
N ILE A 384 -5.99 13.65 -15.53
CA ILE A 384 -6.80 12.44 -15.31
C ILE A 384 -8.09 12.82 -14.55
N PHE A 385 -7.95 13.58 -13.44
CA PHE A 385 -9.08 14.02 -12.66
C PHE A 385 -10.04 14.82 -13.55
N ALA A 386 -9.50 15.73 -14.41
CA ALA A 386 -10.32 16.57 -15.31
C ALA A 386 -11.11 15.73 -16.31
N HIS A 387 -10.49 14.67 -16.90
CA HIS A 387 -11.16 13.72 -17.82
C HIS A 387 -12.33 13.02 -17.15
N LEU A 388 -12.20 12.71 -15.84
CA LEU A 388 -13.19 12.00 -15.04
C LEU A 388 -14.29 12.89 -14.51
N GLY A 389 -14.13 14.20 -14.63
CA GLY A 389 -15.11 15.17 -14.14
C GLY A 389 -15.01 15.33 -12.64
N LEU A 390 -13.80 15.13 -12.08
CA LEU A 390 -13.56 15.25 -10.64
C LEU A 390 -12.71 16.47 -10.28
N ASP A 391 -13.01 17.10 -9.11
CA ASP A 391 -12.16 18.15 -8.57
C ASP A 391 -10.87 17.47 -8.14
N TYR A 392 -9.73 18.11 -8.41
CA TYR A 392 -8.44 17.52 -8.09
C TYR A 392 -8.28 17.29 -6.58
N ILE A 393 -7.85 16.08 -6.20
CA ILE A 393 -7.58 15.72 -4.82
C ILE A 393 -6.04 15.63 -4.71
N GLU A 394 -5.44 16.44 -3.84
CA GLU A 394 -3.99 16.45 -3.62
C GLU A 394 -3.51 15.11 -3.06
N PRO A 395 -2.23 14.68 -3.28
CA PRO A 395 -1.78 13.37 -2.74
C PRO A 395 -2.01 13.22 -1.24
N TRP A 396 -1.75 14.27 -0.44
CA TRP A 396 -1.93 14.24 1.02
C TRP A 396 -3.42 14.18 1.45
N GLU A 397 -4.36 14.31 0.47
CA GLU A 397 -5.80 14.26 0.69
C GLU A 397 -6.37 12.91 0.21
N ARG A 398 -5.49 11.96 -0.13
CA ARG A 398 -5.90 10.66 -0.63
C ARG A 398 -5.71 9.56 0.41
N ASN A 399 -5.69 9.91 1.69
CA ASN A 399 -5.48 8.93 2.77
C ASN A 399 -6.80 8.27 3.21
N ALA A 400 -7.61 7.80 2.21
CA ALA A 400 -8.93 7.17 2.40
C ALA A 400 -8.84 5.79 3.04
MG MG C . 4.11 1.93 0.19
NA NA D . 3.65 -11.59 3.87
ZN ZN E . 5.45 -1.21 -2.03
ZN ZN F . -3.70 -2.16 -18.15
PG APC G . 2.86 1.62 3.27
O1G APC G . 3.75 0.29 3.43
O2G APC G . 3.62 2.82 3.70
O3G APC G . 1.61 1.47 4.28
PB APC G . 0.97 1.61 0.95
O1B APC G . 0.70 2.64 -0.07
O2B APC G . -0.26 1.84 1.99
O3B APC G . 2.46 1.90 1.65
PA APC G . 2.29 -0.98 -0.86
O1A APC G . 3.69 -0.64 -0.19
O2A APC G . 2.12 -2.47 -0.91
C3A APC G . 0.93 -0.15 0.18
O5' APC G . 2.34 -0.48 -2.41
C5' APC G . 2.11 0.98 -2.46
C4' APC G . 0.93 1.63 -3.24
O4' APC G . 0.83 1.36 -4.66
C3' APC G . -0.45 1.41 -2.60
O3' APC G . -1.09 2.62 -2.20
C2' APC G . -1.20 0.56 -3.65
O2' APC G . -2.60 0.80 -3.62
C1' APC G . -0.43 0.69 -4.98
N9 APC G . 0.01 -0.63 -5.40
C8 APC G . 0.80 -1.45 -4.64
N7 APC G . 1.06 -2.58 -5.19
C5 APC G . 0.43 -2.58 -6.40
C6 APC G . 0.36 -3.55 -7.42
N6 APC G . 1.05 -4.75 -7.22
N1 APC G . -0.37 -3.25 -8.55
C2 APC G . -1.00 -2.06 -8.65
N3 APC G . -0.97 -1.10 -7.70
C4 APC G . -0.26 -1.32 -6.56
#